data_6UGC
#
_entry.id   6UGC
#
_cell.length_a   51.030
_cell.length_b   51.030
_cell.length_c   36.020
_cell.angle_alpha   90.000
_cell.angle_beta   90.000
_cell.angle_gamma   120.000
#
_symmetry.space_group_name_H-M   'P 3 1 c'
#
loop_
_entity.id
_entity.type
_entity.pdbx_description
1 polymer 'C3-3 cyclic peptide design'
2 non-polymer 'SODIUM ION'
3 non-polymer 'CADMIUM ION'
4 water water
#
_entity_poly.entity_id   1
_entity_poly.type   'polypeptide(L)'
_entity_poly.pdbx_seq_one_letter_code
;PDDPDDPDD
;
_entity_poly.pdbx_strand_id   A,B,C,D,E,F,G,H,I,J,K
#
loop_
_chem_comp.id
_chem_comp.type
_chem_comp.name
_chem_comp.formula
CD non-polymer 'CADMIUM ION' 'Cd 2'
NA non-polymer 'SODIUM ION' 'Na 1'
#
# COMPACT_ATOMS: atom_id res chain seq x y z
N PRO A 1 16.57 3.93 -4.96
CA PRO A 1 17.58 2.85 -5.13
C PRO A 1 17.29 1.56 -4.38
N ASP A 2 16.43 1.59 -3.33
CA ASP A 2 16.16 0.37 -2.61
C ASP A 2 15.08 -0.50 -3.25
N ASP A 3 14.40 0.01 -4.27
CA ASP A 3 13.19 -0.59 -4.79
C ASP A 3 13.41 -0.86 -6.27
N PRO A 4 13.61 -2.14 -6.67
CA PRO A 4 14.00 -2.43 -8.03
C PRO A 4 12.95 -2.13 -9.09
N ASP A 5 11.72 -1.79 -8.67
CA ASP A 5 10.69 -1.38 -9.62
C ASP A 5 10.50 0.13 -9.72
N ASP A 6 11.30 0.92 -8.99
CA ASP A 6 11.04 2.35 -8.84
C ASP A 6 12.34 3.06 -9.16
N PRO A 7 12.50 3.68 -10.35
CA PRO A 7 13.76 4.29 -10.72
C PRO A 7 14.23 5.38 -9.78
N ASP A 8 13.30 6.01 -9.06
CA ASP A 8 13.65 7.10 -8.19
C ASP A 8 14.10 6.63 -6.80
N ASP A 9 14.04 5.33 -6.53
CA ASP A 9 14.31 4.82 -5.19
C ASP A 9 15.32 3.67 -5.29
N PRO B 1 3.72 9.67 -6.93
CA PRO B 1 3.14 9.71 -8.27
C PRO B 1 3.79 8.76 -9.28
N ASP B 2 4.99 8.26 -9.01
CA ASP B 2 5.65 7.39 -9.98
C ASP B 2 5.29 5.91 -9.74
N ASP B 3 4.53 5.60 -8.67
CA ASP B 3 4.29 4.22 -8.27
C ASP B 3 2.80 4.02 -8.19
N PRO B 4 2.17 3.31 -9.15
CA PRO B 4 0.73 3.18 -9.16
C PRO B 4 0.10 2.56 -7.92
N ASP B 5 0.86 1.76 -7.18
CA ASP B 5 0.33 1.14 -5.97
C ASP B 5 0.56 1.94 -4.69
N ASP B 6 1.17 3.11 -4.78
CA ASP B 6 1.50 3.88 -3.59
C ASP B 6 0.82 5.23 -3.72
N PRO B 7 -0.16 5.51 -2.85
CA PRO B 7 -0.94 6.73 -3.02
C PRO B 7 -0.14 7.99 -2.74
N ASP B 8 1.02 7.87 -2.11
CA ASP B 8 1.89 8.98 -1.75
C ASP B 8 3.03 9.19 -2.74
N ASP B 9 3.08 8.48 -3.86
CA ASP B 9 4.21 8.53 -4.78
C ASP B 9 3.67 8.54 -6.21
N PRO C 1 6.91 11.48 0.08
CA PRO C 1 7.22 12.21 1.32
C PRO C 1 7.39 11.32 2.56
N ASP C 2 7.02 10.04 2.49
CA ASP C 2 7.18 9.12 3.60
C ASP C 2 8.28 8.09 3.41
N ASP C 3 9.10 8.28 2.37
CA ASP C 3 10.21 7.36 2.18
C ASP C 3 11.46 8.19 2.03
N PRO C 4 12.36 8.15 3.03
CA PRO C 4 13.52 9.03 2.99
C PRO C 4 14.53 8.75 1.87
N ASP C 5 14.39 7.67 1.10
N ASP C 5 14.32 7.64 1.14
N ASP C 5 14.36 7.64 1.13
CA ASP C 5 15.27 7.49 -0.05
CA ASP C 5 15.18 7.26 0.04
CA ASP C 5 15.24 7.39 0.01
C ASP C 5 14.57 7.60 -1.39
C ASP C 5 14.54 7.51 -1.33
C ASP C 5 14.51 7.43 -1.32
N ASP C 6 13.33 8.08 -1.38
CA ASP C 6 12.65 8.35 -2.64
C ASP C 6 12.25 9.80 -2.66
N PRO C 7 12.87 10.63 -3.54
CA PRO C 7 12.53 12.05 -3.55
C PRO C 7 11.11 12.44 -3.95
N ASP C 8 10.34 11.47 -4.45
N ASP C 8 10.34 11.50 -4.50
CA ASP C 8 8.98 11.68 -4.90
CA ASP C 8 8.95 11.81 -4.81
C ASP C 8 7.96 11.13 -3.89
C ASP C 8 7.96 11.08 -3.90
N ASP C 9 8.42 10.57 -2.76
CA ASP C 9 7.49 9.99 -1.79
C ASP C 9 7.80 10.62 -0.45
N PRO D 1 6.82 3.54 5.71
CA PRO D 1 5.78 2.90 6.55
C PRO D 1 4.48 2.58 5.82
N ASP D 2 4.23 3.18 4.65
CA ASP D 2 3.00 2.90 3.94
C ASP D 2 3.12 1.71 3.00
N ASP D 3 4.33 1.14 2.82
CA ASP D 3 4.57 0.15 1.79
C ASP D 3 5.20 -1.05 2.45
N PRO D 4 4.45 -2.15 2.63
CA PRO D 4 4.95 -3.27 3.42
C PRO D 4 6.22 -3.92 2.86
N ASP D 5 6.52 -3.71 1.57
CA ASP D 5 7.70 -4.31 0.97
C ASP D 5 8.93 -3.41 0.99
N ASP D 6 8.79 -2.19 1.54
CA ASP D 6 9.86 -1.22 1.53
C ASP D 6 10.23 -0.93 2.97
N PRO D 7 11.45 -1.25 3.39
CA PRO D 7 11.79 -1.08 4.80
C PRO D 7 11.90 0.38 5.25
N ASP D 8 11.97 1.34 4.33
N ASP D 8 11.97 1.30 4.28
CA ASP D 8 12.03 2.73 4.76
CA ASP D 8 12.14 2.73 4.51
C ASP D 8 10.69 3.44 4.75
C ASP D 8 10.79 3.47 4.55
N ASP D 9 9.70 2.84 4.11
CA ASP D 9 8.44 3.52 3.86
C ASP D 9 7.35 2.87 4.70
N PRO E 1 -11.59 -1.60 -4.46
CA PRO E 1 -12.13 -0.43 -5.13
C PRO E 1 -12.76 0.60 -4.20
N ASP E 2 -13.19 0.17 -3.01
N ASP E 2 -13.22 0.21 -3.02
CA ASP E 2 -13.82 1.09 -2.07
CA ASP E 2 -13.83 1.23 -2.18
C ASP E 2 -12.83 1.92 -1.27
C ASP E 2 -12.84 1.91 -1.24
N ASP E 3 -11.55 1.53 -1.27
CA ASP E 3 -10.54 2.12 -0.41
C ASP E 3 -9.49 2.81 -1.25
N PRO E 4 -9.45 4.15 -1.29
CA PRO E 4 -8.54 4.84 -2.18
C PRO E 4 -7.05 4.70 -1.88
N ASP E 5 -6.69 4.06 -0.77
CA ASP E 5 -5.29 3.82 -0.50
C ASP E 5 -4.86 2.38 -0.75
N ASP E 6 -5.79 1.54 -1.19
CA ASP E 6 -5.54 0.10 -1.30
C ASP E 6 -5.87 -0.33 -2.73
N PRO E 7 -4.87 -0.58 -3.60
CA PRO E 7 -5.16 -0.86 -5.00
C PRO E 7 -5.99 -2.13 -5.21
N ASP E 8 -6.02 -3.04 -4.25
CA ASP E 8 -6.82 -4.26 -4.34
C ASP E 8 -8.27 -4.10 -3.91
N ASP E 9 -8.69 -2.90 -3.48
CA ASP E 9 -10.01 -2.72 -2.91
C ASP E 9 -10.64 -1.47 -3.52
N PRO F 1 -2.18 -8.45 3.89
CA PRO F 1 -0.73 -8.24 3.73
C PRO F 1 -0.37 -6.96 2.98
N ASP F 2 -1.27 -6.44 2.14
CA ASP F 2 -0.91 -5.25 1.36
C ASP F 2 -1.10 -3.94 2.15
N ASP F 3 -1.72 -4.00 3.34
CA ASP F 3 -2.15 -2.82 4.06
C ASP F 3 -1.48 -2.82 5.42
N PRO F 4 -0.48 -1.94 5.65
CA PRO F 4 0.28 -1.99 6.89
C PRO F 4 -0.50 -1.71 8.17
N ASP F 5 -1.75 -1.22 8.08
CA ASP F 5 -2.52 -0.99 9.29
C ASP F 5 -3.56 -2.08 9.53
N ASP F 6 -3.61 -3.11 8.69
CA ASP F 6 -4.67 -4.10 8.76
C ASP F 6 -4.04 -5.48 8.83
N PRO F 7 -3.98 -6.10 10.02
CA PRO F 7 -3.29 -7.38 10.17
C PRO F 7 -3.82 -8.52 9.33
N ASP F 8 -5.04 -8.50 8.82
CA ASP F 8 -5.36 -9.60 7.95
C ASP F 8 -5.31 -9.26 6.49
N ASP F 9 -4.60 -8.20 6.14
CA ASP F 9 -4.41 -7.87 4.74
C ASP F 9 -2.94 -7.54 4.47
N PRO G 1 -9.40 -11.56 3.98
CA PRO G 1 -10.49 -12.54 4.08
C PRO G 1 -11.75 -12.00 4.78
N ASP G 2 -11.66 -10.86 5.44
CA ASP G 2 -12.78 -10.25 6.13
C ASP G 2 -13.41 -9.08 5.37
N ASP G 3 -12.97 -8.86 4.12
N ASP G 3 -12.93 -8.79 4.15
CA ASP G 3 -13.49 -7.76 3.35
CA ASP G 3 -13.48 -7.73 3.31
C ASP G 3 -13.89 -8.29 1.97
C ASP G 3 -13.89 -8.32 1.97
N PRO G 4 -15.21 -8.42 1.71
CA PRO G 4 -15.64 -9.06 0.48
C PRO G 4 -15.30 -8.37 -0.84
N ASP G 5 -14.76 -7.14 -0.79
N ASP G 5 -14.75 -7.15 -0.77
CA ASP G 5 -14.31 -6.44 -1.99
CA ASP G 5 -14.29 -6.45 -1.95
C ASP G 5 -12.79 -6.37 -2.08
C ASP G 5 -12.78 -6.29 -2.01
N ASP G 6 -12.05 -7.05 -1.20
CA ASP G 6 -10.60 -7.04 -1.29
C ASP G 6 -10.11 -8.47 -1.32
N PRO G 7 -9.60 -8.96 -2.47
CA PRO G 7 -9.23 -10.38 -2.58
C PRO G 7 -8.07 -10.84 -1.70
N ASP G 8 -7.40 -9.89 -1.04
N ASP G 8 -7.38 -9.88 -1.07
CA ASP G 8 -6.33 -10.26 -0.12
CA ASP G 8 -6.07 -10.18 -0.28
CA ASP G 8 -6.29 -10.21 -0.16
C ASP G 8 -6.67 -10.04 1.35
C ASP G 8 -6.63 -9.89 1.29
N ASP G 9 -7.92 -9.71 1.61
CA ASP G 9 -8.37 -9.54 2.98
C ASP G 9 -9.55 -10.49 3.20
N PRO H 1 -15.15 -5.60 9.01
CA PRO H 1 -15.32 -5.41 10.45
C PRO H 1 -14.05 -5.05 11.22
N ASP H 2 -12.86 -5.37 10.70
CA ASP H 2 -11.65 -5.05 11.46
C ASP H 2 -11.11 -3.65 11.19
N ASP H 3 -11.73 -2.91 10.27
CA ASP H 3 -11.16 -1.63 9.81
C ASP H 3 -12.24 -0.58 9.98
N PRO H 4 -12.11 0.34 10.96
CA PRO H 4 -13.18 1.29 11.22
C PRO H 4 -13.55 2.18 10.05
N ASP H 5 -12.62 2.42 9.13
CA ASP H 5 -12.88 3.32 8.02
C ASP H 5 -13.48 2.64 6.82
N ASP H 6 -13.64 1.31 6.83
CA ASP H 6 -14.10 0.56 5.68
C ASP H 6 -15.40 -0.11 6.07
N PRO H 7 -16.54 0.33 5.49
CA PRO H 7 -17.84 -0.21 5.87
C PRO H 7 -18.01 -1.70 5.58
N ASP H 8 -17.20 -2.29 4.71
N ASP H 8 -17.13 -2.26 4.76
CA ASP H 8 -17.33 -3.72 4.44
CA ASP H 8 -17.25 -3.63 4.34
C ASP H 8 -16.49 -4.62 5.33
C ASP H 8 -16.15 -4.49 4.94
N ASP H 9 -15.56 -4.06 6.07
CA ASP H 9 -14.53 -4.83 6.75
C ASP H 9 -14.66 -4.62 8.26
N PRO I 1 -4.90 2.62 -10.00
CA PRO I 1 -5.83 1.53 -9.65
C PRO I 1 -6.78 1.88 -8.51
N ASP I 2 -6.51 2.99 -7.80
CA ASP I 2 -7.40 3.47 -6.75
C ASP I 2 -8.45 4.46 -7.21
N ASP I 3 -8.38 4.91 -8.46
CA ASP I 3 -9.31 5.92 -8.96
C ASP I 3 -10.04 5.38 -10.19
N PRO J 1 2.32 -8.73 12.23
CA PRO J 1 1.62 -9.32 11.12
C PRO J 1 1.50 -8.37 9.92
N ASP J 2 1.71 -7.07 10.13
CA ASP J 2 1.68 -6.10 9.05
C ASP J 2 3.01 -5.91 8.32
N ASP J 3 4.09 -6.54 8.82
CA ASP J 3 5.40 -6.31 8.25
C ASP J 3 5.99 -7.66 7.85
N PRO K 1 18.51 2.19 -14.24
CA PRO K 1 18.52 2.99 -13.01
C PRO K 1 18.11 2.25 -11.75
N ASP K 2 17.53 1.06 -11.90
CA ASP K 2 17.14 0.22 -10.79
C ASP K 2 18.23 -0.79 -10.36
N ASP K 3 19.36 -0.85 -11.07
CA ASP K 3 20.38 -1.85 -10.84
C ASP K 3 21.70 -1.14 -10.67
NA NA L . 14.97 1.61 -7.84
NA NA M . 14.79 -4.99 -0.11
NA NA M . 14.15 -3.06 -1.18
NA NA N . 8.02 -1.28 -5.58
CD CD O . 12.36 2.95 -0.36
NA NA P . 1.05 6.56 -6.88
NA NA Q . 8.13 3.43 -2.85
NA NA R . 5.05 -0.29 -5.29
CD CD S . 9.11 6.57 -6.50
NA NA T . 11.10 11.08 0.22
NA NA U . 7.39 -0.46 4.91
NA NA V . 6.24 -1.65 -2.96
CD CD W . 4.83 5.52 0.11
NA NA X . -8.60 1.10 -3.96
NA NA Y . -8.86 -2.94 3.68
NA NA Z . -0.71 -1.08 0.04
NA NA Z . 0.26 1.39 0.89
NA NA Z . -2.02 1.07 0.70
NA NA AA . -7.17 2.18 3.65
NA NA BA . -14.42 3.68 1.26
NA NA BA . -15.76 5.38 1.74
CD CD CA . -13.26 -2.48 1.52
NA NA DA . -1.38 -5.82 6.84
NA NA EA . -5.70 0.74 5.88
CD CD FA . -5.79 -4.84 0.32
NA NA GA . -11.79 -10.64 0.65
NA NA HA . -15.38 -1.49 9.22
NA NA IA . -8.48 1.57 6.53
CD CD JA . -9.19 -6.26 7.32
NA NA KA . -8.23 3.49 -12.30
NA NA LA . 5.38 -10.26 9.93
NA NA MA . 22.29 1.45 -12.74
#